data_4P7A
#
_entry.id   4P7A
#
_cell.length_a   94.568
_cell.length_b   94.568
_cell.length_c   85.825
_cell.angle_alpha   90.000
_cell.angle_beta   90.000
_cell.angle_gamma   120.000
#
_symmetry.space_group_name_H-M   'P 64'
#
loop_
_entity.id
_entity.type
_entity.pdbx_description
1 polymer 'DNA mismatch repair protein Mlh1'
2 non-polymer 'MAGNESIUM ION'
3 non-polymer "ADENOSINE-5'-DIPHOSPHATE"
4 non-polymer 'UNKNOWN ATOM OR ION'
5 water water
#
_entity_poly.entity_id   1
_entity_poly.type   'polypeptide(L)'
_entity_poly.pdbx_seq_one_letter_code
;GMSFVAGVIRRLDETVVNRIAAGEVIQRPANAIKEMIENCLDAKSTSIQVIVKEGGLKLIQIQDNGTGIRKEDLDIVCER
FTTSKLQSFEDLASISTYGFRGEALASISHVAHVTITTKTADGKCAYRASYSDGKLKAPPKPCAGNQGTQITVEDLFYNI
ATRRKALKNPSEEYGKILEVVGRYSVHNAGISFSVKKQGETVADVRTLPNASTVDNIRSIFGNAVSRELIEIGCEDKTLA
FKMNGYISNANYSVKKCIFLLFINHRLVESTSLRKAIETVYAAYLPKNTHPFLYLSLEISPQNVDVNVHPTKHEVHFLHE
ESILERVQQHIESKLLGSNSSRMYFTQT
;
_entity_poly.pdbx_strand_id   A
#
# COMPACT_ATOMS: atom_id res chain seq x y z
N PHE A 4 52.69 -7.07 0.35
CA PHE A 4 51.40 -7.05 1.09
C PHE A 4 51.44 -6.17 2.36
N VAL A 5 50.86 -4.97 2.28
CA VAL A 5 50.76 -4.12 3.47
C VAL A 5 49.31 -3.99 3.95
N ALA A 6 49.16 -3.56 5.19
CA ALA A 6 47.88 -3.38 5.84
C ALA A 6 47.15 -2.20 5.24
N GLY A 7 45.83 -2.31 5.13
CA GLY A 7 45.02 -1.19 4.66
C GLY A 7 44.89 -0.12 5.72
N VAL A 8 44.26 0.97 5.35
CA VAL A 8 43.90 2.02 6.27
C VAL A 8 42.40 2.04 6.24
N ILE A 9 41.80 2.16 7.41
CA ILE A 9 40.36 2.08 7.56
C ILE A 9 39.83 3.49 7.41
N ARG A 10 38.83 3.67 6.53
CA ARG A 10 38.11 4.95 6.45
C ARG A 10 36.60 4.73 6.73
N ARG A 11 35.84 5.82 6.87
CA ARG A 11 34.35 5.76 7.03
C ARG A 11 33.66 5.92 5.68
N LEU A 12 32.64 5.12 5.40
CA LEU A 12 31.81 5.38 4.23
C LEU A 12 31.13 6.75 4.46
N ASP A 13 30.88 7.49 3.38
CA ASP A 13 29.99 8.67 3.45
C ASP A 13 28.63 8.11 3.55
N GLU A 14 28.00 8.29 4.69
CA GLU A 14 26.69 7.75 4.82
C GLU A 14 25.59 8.66 4.29
N THR A 15 25.93 9.79 3.67
CA THR A 15 24.90 10.47 2.81
C THR A 15 24.65 9.62 1.55
N VAL A 16 25.73 9.02 1.01
CA VAL A 16 25.59 8.05 -0.06
C VAL A 16 24.94 6.75 0.45
N VAL A 17 25.42 6.20 1.56
CA VAL A 17 24.86 4.91 2.05
C VAL A 17 23.38 5.02 2.23
N ASN A 18 22.96 6.10 2.85
CA ASN A 18 21.56 6.25 3.22
C ASN A 18 20.64 6.42 2.04
N ARG A 19 21.16 7.10 1.01
CA ARG A 19 20.42 7.26 -0.25
C ARG A 19 20.25 5.93 -0.92
N ILE A 20 21.34 5.16 -1.02
CA ILE A 20 21.29 3.88 -1.73
C ILE A 20 20.36 2.88 -1.03
N ALA A 21 20.49 2.75 0.28
CA ALA A 21 19.56 1.89 1.07
C ALA A 21 18.08 2.32 0.95
N ALA A 22 17.82 3.60 1.04
CA ALA A 22 16.45 4.08 0.82
C ALA A 22 15.88 3.68 -0.56
N GLY A 23 16.67 3.80 -1.63
CA GLY A 23 16.28 3.28 -2.94
C GLY A 23 15.89 1.81 -2.92
N GLU A 24 16.62 1.03 -2.14
CA GLU A 24 16.44 -0.40 -2.01
C GLU A 24 15.12 -0.77 -1.34
N VAL A 25 14.70 0.05 -0.40
CA VAL A 25 13.45 -0.12 0.32
C VAL A 25 12.26 0.29 -0.56
N ILE A 26 12.31 1.51 -1.09
CA ILE A 26 11.20 2.08 -1.81
C ILE A 26 11.02 1.40 -3.18
N GLN A 27 12.03 1.43 -4.00
CA GLN A 27 12.03 0.73 -5.29
C GLN A 27 11.21 1.39 -6.41
N ARG A 28 10.00 1.81 -6.14
CA ARG A 28 9.17 2.36 -7.18
C ARG A 28 7.99 3.12 -6.57
N PRO A 29 7.34 3.96 -7.38
CA PRO A 29 6.27 4.76 -6.78
C PRO A 29 5.14 3.95 -6.09
N ALA A 30 4.74 2.81 -6.64
CA ALA A 30 3.65 2.04 -6.01
C ALA A 30 3.98 1.69 -4.57
N ASN A 31 5.24 1.40 -4.33
CA ASN A 31 5.67 1.06 -3.01
C ASN A 31 5.71 2.23 -2.02
N ALA A 32 6.12 3.42 -2.47
CA ALA A 32 5.99 4.61 -1.63
C ALA A 32 4.52 4.79 -1.26
N ILE A 33 3.67 4.68 -2.26
CA ILE A 33 2.24 4.83 -2.07
C ILE A 33 1.65 3.78 -1.09
N LYS A 34 2.06 2.54 -1.22
CA LYS A 34 1.68 1.51 -0.26
C LYS A 34 2.00 1.92 1.20
N GLU A 35 3.21 2.40 1.44
CA GLU A 35 3.62 2.86 2.79
C GLU A 35 2.79 4.04 3.28
N MET A 36 2.49 4.97 2.37
CA MET A 36 1.77 6.17 2.76
C MET A 36 0.29 5.87 3.08
N ILE A 37 -0.32 4.99 2.31
CA ILE A 37 -1.67 4.55 2.55
C ILE A 37 -1.79 3.86 3.89
N GLU A 38 -0.84 3.02 4.21
CA GLU A 38 -0.85 2.34 5.46
C GLU A 38 -0.78 3.34 6.61
N ASN A 39 -0.01 4.39 6.42
CA ASN A 39 0.02 5.47 7.40
C ASN A 39 -1.35 6.18 7.51
N CYS A 40 -2.02 6.41 6.39
CA CYS A 40 -3.36 7.00 6.41
C CYS A 40 -4.30 6.11 7.24
N LEU A 41 -4.19 4.80 7.05
CA LEU A 41 -5.06 3.86 7.78
C LEU A 41 -4.72 3.78 9.26
N ASP A 42 -3.42 3.85 9.59
CA ASP A 42 -3.03 3.89 10.99
C ASP A 42 -3.55 5.17 11.69
N ALA A 43 -3.62 6.26 10.96
CA ALA A 43 -4.08 7.54 11.49
C ALA A 43 -5.64 7.67 11.37
N LYS A 44 -6.32 6.55 11.22
CA LYS A 44 -7.78 6.46 11.33
C LYS A 44 -8.55 7.29 10.26
N SER A 45 -7.98 7.34 9.06
CA SER A 45 -8.57 8.06 7.94
C SER A 45 -9.77 7.30 7.37
N THR A 46 -10.83 7.99 6.99
CA THR A 46 -11.96 7.33 6.30
C THR A 46 -12.12 7.74 4.88
N SER A 47 -11.30 8.69 4.42
CA SER A 47 -11.32 9.20 3.07
C SER A 47 -9.87 9.41 2.63
N ILE A 48 -9.45 8.70 1.59
CA ILE A 48 -8.07 8.81 1.12
C ILE A 48 -8.05 9.13 -0.40
N GLN A 49 -7.38 10.22 -0.80
CA GLN A 49 -7.30 10.61 -2.20
C GLN A 49 -5.84 10.59 -2.68
N VAL A 50 -5.58 9.86 -3.79
CA VAL A 50 -4.27 9.81 -4.43
C VAL A 50 -4.26 10.51 -5.79
N ILE A 51 -3.28 11.38 -6.01
CA ILE A 51 -3.08 12.06 -7.25
C ILE A 51 -1.65 11.86 -7.72
N VAL A 52 -1.48 11.66 -9.02
CA VAL A 52 -0.23 11.20 -9.56
C VAL A 52 0.06 11.94 -10.84
N LYS A 53 1.31 12.35 -10.97
CA LYS A 53 1.83 12.80 -12.26
C LYS A 53 2.97 11.87 -12.76
N GLU A 54 2.84 11.45 -14.03
N GLU A 54 2.83 11.43 -14.02
CA GLU A 54 3.83 10.64 -14.76
CA GLU A 54 3.86 10.66 -14.73
C GLU A 54 4.18 9.33 -14.02
C GLU A 54 4.18 9.32 -14.03
N GLY A 55 3.15 8.60 -13.62
CA GLY A 55 3.32 7.28 -12.98
C GLY A 55 3.90 7.35 -11.58
N GLY A 56 3.93 8.54 -10.98
CA GLY A 56 4.53 8.73 -9.70
C GLY A 56 5.99 9.17 -9.71
N LEU A 57 6.58 9.26 -10.89
CA LEU A 57 7.97 9.72 -11.04
C LEU A 57 8.08 11.22 -10.87
N LYS A 58 7.08 11.96 -11.32
CA LYS A 58 7.10 13.40 -11.09
C LYS A 58 6.46 13.80 -9.76
N LEU A 59 5.25 13.29 -9.47
CA LEU A 59 4.48 13.69 -8.27
C LEU A 59 3.57 12.58 -7.78
N ILE A 60 3.54 12.41 -6.47
CA ILE A 60 2.57 11.61 -5.79
C ILE A 60 2.03 12.51 -4.71
N GLN A 61 0.71 12.55 -4.59
CA GLN A 61 0.10 13.35 -3.55
C GLN A 61 -0.97 12.51 -2.94
N ILE A 62 -0.97 12.38 -1.61
CA ILE A 62 -1.98 11.63 -0.95
C ILE A 62 -2.58 12.49 0.16
N GLN A 63 -3.89 12.72 0.07
CA GLN A 63 -4.65 13.52 1.06
C GLN A 63 -5.49 12.57 1.89
N ASP A 64 -5.43 12.68 3.21
CA ASP A 64 -6.36 11.94 4.09
C ASP A 64 -7.12 12.88 5.04
N ASN A 65 -8.11 12.33 5.76
CA ASN A 65 -8.84 13.06 6.81
C ASN A 65 -8.59 12.40 8.16
N GLY A 66 -7.40 11.86 8.36
CA GLY A 66 -7.09 11.20 9.61
C GLY A 66 -6.66 12.18 10.69
N THR A 67 -6.00 11.65 11.71
CA THR A 67 -5.72 12.42 12.93
C THR A 67 -4.62 13.44 12.79
N GLY A 68 -3.83 13.37 11.74
CA GLY A 68 -2.80 14.38 11.49
C GLY A 68 -1.54 14.22 12.31
N ILE A 69 -0.57 15.09 12.04
CA ILE A 69 0.71 15.14 12.76
C ILE A 69 0.79 16.46 13.53
N ARG A 70 1.03 16.37 14.84
CA ARG A 70 1.13 17.55 15.68
C ARG A 70 2.23 18.44 15.17
N LYS A 71 1.99 19.74 15.25
CA LYS A 71 2.91 20.77 14.78
C LYS A 71 4.30 20.54 15.29
N GLU A 72 4.41 20.38 16.60
CA GLU A 72 5.71 20.24 17.26
C GLU A 72 6.47 18.97 16.81
N ASP A 73 5.78 17.96 16.25
CA ASP A 73 6.44 16.73 15.73
C ASP A 73 6.90 16.85 14.27
N LEU A 74 6.52 17.90 13.56
CA LEU A 74 6.99 18.03 12.16
C LEU A 74 8.51 18.16 12.05
N ASP A 75 9.16 18.65 13.09
CA ASP A 75 10.61 18.75 13.12
C ASP A 75 11.29 17.39 12.84
N ILE A 76 10.72 16.31 13.38
CA ILE A 76 11.44 15.02 13.38
C ILE A 76 10.75 13.87 12.67
N VAL A 77 9.58 14.15 12.12
CA VAL A 77 8.73 13.12 11.53
C VAL A 77 9.42 12.28 10.44
N CYS A 78 10.26 12.91 9.61
CA CYS A 78 10.99 12.15 8.55
C CYS A 78 12.37 11.62 8.94
N GLU A 79 12.73 11.71 10.22
CA GLU A 79 13.98 11.09 10.66
C GLU A 79 13.82 9.58 10.82
N ARG A 80 14.92 8.89 10.76
CA ARG A 80 14.90 7.47 10.87
C ARG A 80 14.58 7.08 12.32
N PHE A 81 13.70 6.13 12.52
CA PHE A 81 13.39 5.63 13.85
C PHE A 81 12.57 6.58 14.71
N THR A 82 11.90 7.55 14.10
CA THR A 82 10.88 8.29 14.78
C THR A 82 9.50 7.85 14.33
N THR A 83 8.68 7.57 15.34
CA THR A 83 7.39 6.97 15.19
C THR A 83 6.48 7.35 16.41
N SER A 84 5.19 7.40 16.17
CA SER A 84 4.22 7.51 17.24
C SER A 84 3.58 6.16 17.61
N LYS A 85 4.13 5.06 17.11
CA LYS A 85 3.58 3.70 17.26
C LYS A 85 4.44 2.83 18.19
N LEU A 86 3.85 1.80 18.78
CA LEU A 86 4.49 1.07 19.91
C LEU A 86 5.87 0.40 19.58
N GLY A 99 10.69 -3.78 8.61
CA GLY A 99 11.62 -4.07 9.71
C GLY A 99 11.19 -3.34 10.97
N PHE A 100 11.82 -2.20 11.24
CA PHE A 100 11.50 -1.39 12.42
C PHE A 100 10.53 -0.26 12.08
N ARG A 101 9.83 0.19 13.12
CA ARG A 101 8.93 1.32 13.00
C ARG A 101 9.79 2.49 12.65
N GLY A 102 9.22 3.38 11.88
CA GLY A 102 9.82 4.67 11.68
C GLY A 102 10.81 4.84 10.53
N GLU A 103 10.74 3.97 9.54
CA GLU A 103 11.70 4.00 8.43
C GLU A 103 11.11 4.46 7.12
N ALA A 104 9.79 4.38 6.97
CA ALA A 104 9.19 4.63 5.67
C ALA A 104 9.35 6.11 5.21
N LEU A 105 8.90 7.08 5.98
CA LEU A 105 9.03 8.46 5.52
C LEU A 105 10.49 8.89 5.48
N ALA A 106 11.30 8.41 6.41
CA ALA A 106 12.75 8.73 6.37
C ALA A 106 13.33 8.27 5.06
N SER A 107 12.99 7.03 4.65
CA SER A 107 13.52 6.50 3.37
C SER A 107 13.05 7.32 2.17
N ILE A 108 11.74 7.55 2.08
CA ILE A 108 11.18 8.34 0.98
C ILE A 108 11.86 9.68 0.87
N SER A 109 12.16 10.29 2.01
CA SER A 109 12.74 11.64 2.03
C SER A 109 14.21 11.70 1.57
N HIS A 110 14.87 10.55 1.60
CA HIS A 110 16.25 10.44 1.09
C HIS A 110 16.31 10.27 -0.45
N VAL A 111 15.18 9.95 -1.10
CA VAL A 111 15.14 9.81 -2.54
C VAL A 111 14.03 10.64 -3.24
N ALA A 112 13.53 11.66 -2.55
CA ALA A 112 12.48 12.53 -3.12
C ALA A 112 12.41 13.86 -2.38
N HIS A 113 11.67 14.80 -2.96
CA HIS A 113 11.33 16.03 -2.26
C HIS A 113 9.98 15.86 -1.63
N VAL A 114 9.96 15.87 -0.31
CA VAL A 114 8.79 15.59 0.47
C VAL A 114 8.29 16.85 1.10
N THR A 115 6.99 17.07 0.96
CA THR A 115 6.27 18.15 1.63
C THR A 115 5.10 17.60 2.39
N ILE A 116 4.86 18.09 3.58
CA ILE A 116 3.75 17.61 4.34
C ILE A 116 2.90 18.75 4.78
N THR A 117 1.60 18.61 4.54
CA THR A 117 0.66 19.58 5.01
C THR A 117 -0.32 18.88 5.92
N THR A 118 -0.46 19.37 7.16
CA THR A 118 -1.19 18.60 8.16
C THR A 118 -1.82 19.41 9.28
N LYS A 119 -2.99 18.94 9.72
CA LYS A 119 -3.74 19.54 10.82
C LYS A 119 -4.27 18.49 11.81
N THR A 120 -4.12 18.76 13.11
CA THR A 120 -4.73 17.96 14.15
C THR A 120 -6.01 18.66 14.60
N ALA A 121 -6.91 17.91 15.23
CA ALA A 121 -8.16 18.46 15.81
C ALA A 121 -7.87 19.56 16.83
N ASP A 122 -6.83 19.38 17.63
CA ASP A 122 -6.40 20.37 18.65
C ASP A 122 -5.55 21.53 18.15
N GLY A 123 -5.00 21.44 16.94
CA GLY A 123 -4.26 22.55 16.35
C GLY A 123 -5.21 23.65 15.81
N LYS A 124 -4.75 24.90 15.87
CA LYS A 124 -5.56 26.04 15.40
C LYS A 124 -5.65 26.12 13.86
N CYS A 125 -4.59 25.65 13.18
CA CYS A 125 -4.54 25.56 11.73
C CYS A 125 -3.55 24.48 11.31
N ALA A 126 -3.60 24.16 10.03
CA ALA A 126 -2.64 23.29 9.40
C ALA A 126 -1.29 23.97 9.30
N TYR A 127 -0.26 23.15 9.24
CA TYR A 127 1.11 23.53 9.03
C TYR A 127 1.71 22.77 7.87
N ARG A 128 2.59 23.41 7.11
CA ARG A 128 3.27 22.79 5.97
C ARG A 128 4.77 22.72 6.25
N ALA A 129 5.39 21.59 5.97
CA ALA A 129 6.85 21.52 6.07
C ALA A 129 7.43 20.72 4.94
N SER A 130 8.65 21.07 4.57
CA SER A 130 9.38 20.44 3.48
C SER A 130 10.66 19.83 4.01
N TYR A 131 11.04 18.69 3.43
CA TYR A 131 12.19 17.91 3.90
C TYR A 131 13.20 17.58 2.80
N SER A 132 14.48 17.59 3.14
CA SER A 132 15.50 16.92 2.29
C SER A 132 16.35 16.01 3.15
N ASP A 133 16.55 14.78 2.69
CA ASP A 133 17.28 13.76 3.41
C ASP A 133 16.84 13.65 4.87
N GLY A 134 15.55 13.66 5.11
CA GLY A 134 15.03 13.40 6.47
C GLY A 134 15.01 14.59 7.39
N LYS A 135 15.60 15.71 6.94
CA LYS A 135 15.68 16.91 7.74
C LYS A 135 14.72 17.99 7.24
N LEU A 136 14.08 18.59 8.23
CA LEU A 136 13.30 19.78 8.07
C LEU A 136 14.15 20.84 7.37
N LYS A 137 13.63 21.43 6.27
CA LYS A 137 14.33 22.52 5.55
C LYS A 137 14.16 23.88 6.25
N ALA A 138 12.97 24.12 6.79
CA ALA A 138 12.70 25.39 7.47
C ALA A 138 11.60 25.18 8.50
N PRO A 139 11.42 26.15 9.42
CA PRO A 139 10.35 25.94 10.37
C PRO A 139 8.98 25.77 9.68
N PRO A 140 8.15 24.87 10.21
CA PRO A 140 6.84 24.69 9.58
C PRO A 140 6.07 26.00 9.56
N LYS A 141 5.30 26.22 8.49
CA LYS A 141 4.58 27.48 8.27
C LYS A 141 3.07 27.22 8.19
N PRO A 142 2.26 28.07 8.84
CA PRO A 142 0.82 27.83 8.83
C PRO A 142 0.26 27.93 7.40
N CYS A 143 -0.77 27.15 7.09
CA CYS A 143 -1.34 27.18 5.74
C CYS A 143 -2.76 26.71 5.79
N ALA A 144 -3.45 26.83 4.67
CA ALA A 144 -4.82 26.37 4.56
C ALA A 144 -4.84 24.84 4.63
N GLY A 145 -5.98 24.28 5.00
CA GLY A 145 -6.08 22.82 5.13
C GLY A 145 -6.96 22.41 6.29
N ASN A 146 -7.63 21.27 6.12
CA ASN A 146 -8.56 20.74 7.09
C ASN A 146 -7.92 19.58 7.83
N GLN A 147 -8.67 19.04 8.78
CA GLN A 147 -8.32 17.85 9.54
C GLN A 147 -7.64 16.78 8.64
N GLY A 148 -6.42 16.37 9.01
CA GLY A 148 -5.74 15.32 8.28
C GLY A 148 -4.46 15.77 7.60
N THR A 149 -4.00 14.98 6.66
CA THR A 149 -2.62 15.09 6.21
C THR A 149 -2.58 14.89 4.72
N GLN A 150 -1.85 15.79 4.06
CA GLN A 150 -1.46 15.64 2.64
C GLN A 150 0.05 15.54 2.59
N ILE A 151 0.53 14.44 2.04
CA ILE A 151 1.93 14.25 1.76
C ILE A 151 2.13 14.35 0.25
N THR A 152 3.16 15.05 -0.14
CA THR A 152 3.46 15.27 -1.52
C THR A 152 4.85 14.77 -1.70
N VAL A 153 5.06 13.88 -2.67
CA VAL A 153 6.38 13.26 -2.94
C VAL A 153 6.79 13.51 -4.38
N GLU A 154 7.84 14.32 -4.57
CA GLU A 154 8.21 14.77 -5.91
C GLU A 154 9.57 14.28 -6.37
N ASP A 155 9.66 14.03 -7.66
CA ASP A 155 10.91 13.67 -8.34
C ASP A 155 11.54 12.44 -7.76
N LEU A 156 10.77 11.37 -7.63
CA LEU A 156 11.29 10.17 -7.02
C LEU A 156 12.57 9.68 -7.72
N PHE A 157 13.62 9.43 -6.94
CA PHE A 157 14.92 9.00 -7.44
C PHE A 157 15.62 10.04 -8.29
N TYR A 158 15.31 11.33 -8.09
CA TYR A 158 16.08 12.39 -8.75
C TYR A 158 17.57 12.24 -8.42
N ASN A 159 17.91 11.60 -7.30
CA ASN A 159 19.32 11.50 -6.85
C ASN A 159 19.96 10.13 -7.01
N ILE A 160 19.31 9.21 -7.69
CA ILE A 160 19.88 7.91 -7.98
C ILE A 160 19.48 7.57 -9.39
N ALA A 161 20.29 8.01 -10.34
CA ALA A 161 20.02 7.91 -11.77
C ALA A 161 19.74 6.49 -12.23
N THR A 162 20.39 5.53 -11.60
CA THR A 162 20.35 4.15 -12.05
C THR A 162 18.98 3.52 -11.80
N ARG A 163 18.35 3.85 -10.67
CA ARG A 163 16.99 3.38 -10.36
C ARG A 163 15.92 4.13 -11.13
N ARG A 164 16.14 5.42 -11.35
CA ARG A 164 15.22 6.24 -12.15
C ARG A 164 15.06 5.66 -13.57
N LYS A 165 16.16 5.24 -14.17
CA LYS A 165 16.12 4.64 -15.51
C LYS A 165 15.64 3.17 -15.45
N ALA A 166 15.98 2.48 -14.36
CA ALA A 166 15.52 1.10 -14.09
C ALA A 166 14.01 0.96 -13.79
N LEU A 167 13.33 2.09 -13.57
CA LEU A 167 11.88 2.08 -13.46
C LEU A 167 11.25 1.85 -14.81
N LYS A 168 10.00 1.39 -14.78
CA LYS A 168 9.26 1.11 -15.99
C LYS A 168 8.68 2.42 -16.53
N ASN A 169 8.12 2.33 -17.73
CA ASN A 169 7.45 3.46 -18.36
C ASN A 169 6.33 4.02 -17.47
N PRO A 170 6.03 5.31 -17.61
CA PRO A 170 5.07 5.98 -16.74
C PRO A 170 3.74 5.24 -16.62
N SER A 171 3.29 4.59 -17.67
CA SER A 171 1.96 3.97 -17.63
C SER A 171 1.95 2.60 -16.95
N GLU A 172 3.08 1.89 -16.96
CA GLU A 172 3.22 0.65 -16.17
C GLU A 172 3.32 0.96 -14.70
N GLU A 173 4.01 2.06 -14.37
CA GLU A 173 4.16 2.43 -12.98
C GLU A 173 2.82 2.91 -12.44
N TYR A 174 2.07 3.67 -13.25
CA TYR A 174 0.70 4.11 -12.88
C TYR A 174 -0.17 2.91 -12.69
N GLY A 175 -0.08 1.97 -13.63
CA GLY A 175 -0.70 0.66 -13.55
C GLY A 175 -0.45 -0.03 -12.23
N LYS A 176 0.80 -0.01 -11.76
CA LYS A 176 1.11 -0.62 -10.45
C LYS A 176 0.52 0.12 -9.27
N ILE A 177 0.45 1.45 -9.35
CA ILE A 177 -0.21 2.23 -8.29
C ILE A 177 -1.70 1.82 -8.21
N LEU A 178 -2.36 1.69 -9.36
CA LEU A 178 -3.77 1.32 -9.39
C LEU A 178 -3.96 -0.02 -8.71
N GLU A 179 -3.08 -0.96 -9.03
CA GLU A 179 -3.15 -2.27 -8.44
C GLU A 179 -3.11 -2.14 -6.93
N VAL A 180 -2.07 -1.49 -6.39
CA VAL A 180 -1.96 -1.33 -4.94
C VAL A 180 -3.17 -0.66 -4.33
N VAL A 181 -3.64 0.46 -4.90
CA VAL A 181 -4.66 1.22 -4.22
C VAL A 181 -5.96 0.43 -4.31
N GLY A 182 -6.25 -0.12 -5.48
CA GLY A 182 -7.46 -0.93 -5.67
C GLY A 182 -7.52 -2.09 -4.69
N ARG A 183 -6.33 -2.61 -4.37
CA ARG A 183 -6.24 -3.74 -3.50
C ARG A 183 -6.44 -3.34 -2.05
N TYR A 184 -5.78 -2.27 -1.58
CA TYR A 184 -6.09 -1.76 -0.25
C TYR A 184 -7.62 -1.42 -0.11
N SER A 185 -8.27 -1.05 -1.21
CA SER A 185 -9.64 -0.59 -1.16
C SER A 185 -10.65 -1.74 -0.98
N VAL A 186 -10.29 -2.93 -1.48
CA VAL A 186 -11.07 -4.13 -1.28
C VAL A 186 -10.98 -4.59 0.17
N HIS A 187 -9.77 -4.59 0.72
CA HIS A 187 -9.55 -4.92 2.15
C HIS A 187 -10.23 -3.97 3.13
N ASN A 188 -10.38 -2.70 2.71
CA ASN A 188 -10.81 -1.61 3.60
C ASN A 188 -12.14 -1.02 3.14
N ALA A 189 -13.09 -1.87 2.88
CA ALA A 189 -14.43 -1.45 2.51
C ALA A 189 -14.97 -0.53 3.58
N GLY A 190 -15.65 0.54 3.18
CA GLY A 190 -16.19 1.52 4.15
C GLY A 190 -15.32 2.78 4.18
N ILE A 191 -14.04 2.60 3.88
CA ILE A 191 -13.12 3.71 3.72
C ILE A 191 -13.08 4.06 2.25
N SER A 192 -13.14 5.34 1.89
CA SER A 192 -13.21 5.72 0.49
C SER A 192 -11.81 5.96 -0.07
N PHE A 193 -11.55 5.45 -1.26
CA PHE A 193 -10.24 5.60 -1.87
C PHE A 193 -10.47 6.10 -3.24
N SER A 194 -9.56 6.93 -3.75
CA SER A 194 -9.58 7.30 -5.16
C SER A 194 -8.18 7.51 -5.68
N VAL A 195 -7.98 7.27 -6.96
CA VAL A 195 -6.72 7.59 -7.63
C VAL A 195 -7.03 8.28 -8.93
N LYS A 196 -6.39 9.41 -9.18
CA LYS A 196 -6.46 10.06 -10.50
C LYS A 196 -5.12 10.60 -10.91
N LYS A 197 -4.97 10.83 -12.21
CA LYS A 197 -3.87 11.57 -12.77
C LYS A 197 -4.09 13.05 -12.56
N GLN A 198 -3.02 13.75 -12.27
CA GLN A 198 -3.10 15.16 -12.00
C GLN A 198 -3.69 15.91 -13.17
N GLY A 199 -4.55 16.89 -12.86
CA GLY A 199 -5.23 17.70 -13.90
C GLY A 199 -6.40 17.00 -14.60
N GLU A 200 -6.68 15.75 -14.24
CA GLU A 200 -7.86 15.05 -14.74
C GLU A 200 -8.90 15.17 -13.68
N THR A 201 -10.14 15.20 -14.09
CA THR A 201 -11.24 15.43 -13.14
C THR A 201 -11.92 14.09 -12.69
N VAL A 202 -11.91 13.09 -13.58
CA VAL A 202 -12.52 11.76 -13.33
C VAL A 202 -11.46 10.79 -12.82
N ALA A 203 -11.69 10.28 -11.62
CA ALA A 203 -10.89 9.24 -10.99
C ALA A 203 -10.89 7.94 -11.81
N ASP A 204 -9.74 7.24 -11.83
CA ASP A 204 -9.62 5.91 -12.42
C ASP A 204 -10.05 4.79 -11.47
N VAL A 205 -9.97 5.06 -10.17
CA VAL A 205 -10.45 4.18 -9.15
C VAL A 205 -11.13 5.06 -8.12
N ARG A 206 -12.32 4.67 -7.68
CA ARG A 206 -13.06 5.42 -6.67
C ARG A 206 -13.98 4.44 -5.95
N THR A 207 -13.81 4.33 -4.63
CA THR A 207 -14.72 3.55 -3.81
C THR A 207 -15.34 4.49 -2.78
N LEU A 208 -16.44 4.06 -2.23
CA LEU A 208 -17.37 4.96 -1.58
C LEU A 208 -17.58 4.58 -0.13
N PRO A 209 -17.91 5.56 0.75
N PRO A 209 -18.10 5.51 0.70
CA PRO A 209 -17.85 5.29 2.19
CA PRO A 209 -18.46 5.15 2.06
C PRO A 209 -18.83 4.22 2.70
C PRO A 209 -19.60 4.14 2.09
N ASN A 210 -19.86 3.92 1.93
N ASN A 210 -19.57 3.24 3.07
CA ASN A 210 -20.83 2.92 2.36
CA ASN A 210 -20.61 2.22 3.20
C ASN A 210 -20.78 1.69 1.46
C ASN A 210 -20.73 1.35 1.92
N ALA A 211 -19.59 1.12 1.25
CA ALA A 211 -19.46 0.03 0.30
C ALA A 211 -19.09 -1.22 1.07
N SER A 212 -19.70 -2.33 0.68
CA SER A 212 -19.30 -3.64 1.20
C SER A 212 -18.04 -4.12 0.47
N THR A 213 -17.42 -5.17 0.99
CA THR A 213 -16.28 -5.79 0.35
C THR A 213 -16.59 -6.25 -1.07
N VAL A 214 -17.80 -6.75 -1.27
CA VAL A 214 -18.24 -7.25 -2.54
C VAL A 214 -18.46 -6.11 -3.54
N ASP A 215 -18.92 -4.96 -3.07
CA ASP A 215 -19.11 -3.83 -3.96
C ASP A 215 -17.79 -3.34 -4.50
N ASN A 216 -16.76 -3.38 -3.66
CA ASN A 216 -15.45 -2.90 -4.06
C ASN A 216 -14.76 -3.90 -4.95
N ILE A 217 -15.04 -5.19 -4.77
CA ILE A 217 -14.58 -6.16 -5.75
C ILE A 217 -15.33 -5.92 -7.10
N ARG A 218 -16.65 -5.77 -7.09
CA ARG A 218 -17.38 -5.43 -8.34
C ARG A 218 -16.81 -4.16 -9.01
N SER A 219 -16.49 -3.15 -8.21
CA SER A 219 -16.03 -1.89 -8.75
C SER A 219 -14.64 -2.00 -9.37
N ILE A 220 -13.71 -2.61 -8.64
CA ILE A 220 -12.34 -2.69 -9.11
C ILE A 220 -12.15 -3.82 -10.12
N PHE A 221 -12.83 -4.95 -9.91
CA PHE A 221 -12.60 -6.13 -10.74
C PHE A 221 -13.75 -6.54 -11.70
N GLY A 222 -14.88 -5.85 -11.62
CA GLY A 222 -15.96 -5.99 -12.61
C GLY A 222 -17.07 -6.95 -12.19
N ASN A 223 -18.24 -6.80 -12.80
CA ASN A 223 -19.40 -7.63 -12.45
C ASN A 223 -19.23 -9.14 -12.68
N ALA A 224 -18.38 -9.53 -13.62
CA ALA A 224 -18.22 -10.94 -13.98
C ALA A 224 -17.54 -11.76 -12.86
N VAL A 225 -16.68 -11.11 -12.10
CA VAL A 225 -16.06 -11.74 -10.95
C VAL A 225 -16.98 -11.64 -9.72
N SER A 226 -17.56 -10.47 -9.50
CA SER A 226 -18.38 -10.26 -8.32
C SER A 226 -19.60 -11.19 -8.30
N ARG A 227 -20.12 -11.54 -9.48
CA ARG A 227 -21.27 -12.46 -9.58
C ARG A 227 -20.91 -13.93 -9.17
N GLU A 228 -19.62 -14.26 -9.10
CA GLU A 228 -19.16 -15.64 -8.93
C GLU A 228 -18.37 -15.88 -7.63
N LEU A 229 -18.66 -15.12 -6.57
CA LEU A 229 -17.85 -15.18 -5.34
C LEU A 229 -18.45 -16.06 -4.30
N ILE A 230 -17.55 -16.77 -3.61
CA ILE A 230 -17.87 -17.55 -2.45
C ILE A 230 -17.17 -16.92 -1.28
N GLU A 231 -17.94 -16.69 -0.21
CA GLU A 231 -17.42 -16.12 1.00
C GLU A 231 -16.75 -17.21 1.75
N ILE A 232 -15.63 -16.89 2.36
CA ILE A 232 -14.89 -17.86 3.12
C ILE A 232 -14.55 -17.27 4.47
N GLY A 233 -14.50 -18.16 5.45
CA GLY A 233 -13.97 -17.82 6.75
C GLY A 233 -13.69 -19.08 7.54
N CYS A 234 -12.60 -19.08 8.27
CA CYS A 234 -12.35 -20.09 9.27
C CYS A 234 -11.48 -19.51 10.36
N GLU A 235 -11.75 -19.94 11.59
CA GLU A 235 -10.94 -19.62 12.75
C GLU A 235 -10.43 -20.94 13.29
N ASP A 236 -9.29 -20.90 13.97
CA ASP A 236 -8.74 -22.06 14.67
C ASP A 236 -7.91 -21.55 15.84
N LYS A 237 -8.42 -21.75 17.06
CA LYS A 237 -7.78 -21.28 18.28
C LYS A 237 -6.48 -22.06 18.54
N THR A 238 -6.51 -23.38 18.28
CA THR A 238 -5.33 -24.24 18.43
C THR A 238 -4.16 -23.81 17.53
N LEU A 239 -4.46 -23.50 16.25
CA LEU A 239 -3.45 -23.04 15.28
C LEU A 239 -3.27 -21.50 15.30
N ALA A 240 -3.99 -20.82 16.18
CA ALA A 240 -3.80 -19.39 16.45
C ALA A 240 -3.88 -18.53 15.19
N PHE A 241 -4.91 -18.76 14.37
CA PHE A 241 -5.11 -17.96 13.17
C PHE A 241 -6.61 -17.84 12.80
N LYS A 242 -6.92 -16.81 12.00
CA LYS A 242 -8.26 -16.55 11.47
C LYS A 242 -8.11 -16.18 10.01
N MET A 243 -9.17 -16.37 9.25
CA MET A 243 -9.11 -16.04 7.85
C MET A 243 -10.49 -15.71 7.32
N ASN A 244 -10.57 -14.68 6.47
CA ASN A 244 -11.79 -14.41 5.73
C ASN A 244 -11.47 -13.85 4.38
N GLY A 245 -12.49 -13.71 3.56
CA GLY A 245 -12.29 -13.18 2.23
C GLY A 245 -13.32 -13.71 1.27
N TYR A 246 -12.98 -13.66 -0.01
CA TYR A 246 -13.86 -14.13 -1.05
C TYR A 246 -13.03 -14.79 -2.12
N ILE A 247 -13.58 -15.86 -2.70
CA ILE A 247 -12.94 -16.54 -3.83
C ILE A 247 -13.94 -16.76 -4.97
N SER A 248 -13.43 -16.94 -6.18
CA SER A 248 -14.27 -17.29 -7.32
C SER A 248 -14.62 -18.77 -7.26
N ASN A 249 -15.88 -19.11 -7.56
CA ASN A 249 -16.35 -20.51 -7.59
C ASN A 249 -15.90 -21.15 -8.88
N ALA A 250 -16.18 -22.45 -9.07
CA ALA A 250 -15.60 -23.19 -10.19
C ALA A 250 -16.04 -22.70 -11.59
N ASN A 251 -17.07 -21.86 -11.68
CA ASN A 251 -17.55 -21.34 -12.96
C ASN A 251 -16.75 -20.14 -13.53
N TYR A 252 -15.95 -19.45 -12.71
CA TYR A 252 -15.16 -18.30 -13.19
C TYR A 252 -13.74 -18.71 -13.58
N SER A 253 -13.28 -18.19 -14.71
CA SER A 253 -11.96 -18.51 -15.24
C SER A 253 -11.42 -17.35 -16.09
N VAL A 254 -10.19 -16.90 -15.79
CA VAL A 254 -9.44 -15.92 -16.64
C VAL A 254 -8.03 -16.42 -16.99
N LYS A 255 -7.38 -15.76 -17.94
CA LYS A 255 -6.05 -16.18 -18.42
C LYS A 255 -4.91 -16.04 -17.39
N LYS A 256 -5.12 -15.24 -16.33
CA LYS A 256 -4.09 -15.05 -15.29
C LYS A 256 -4.71 -14.89 -13.88
N CYS A 257 -4.12 -15.59 -12.90
CA CYS A 257 -4.64 -15.62 -11.51
C CYS A 257 -4.49 -14.28 -10.83
N ILE A 258 -5.63 -13.71 -10.44
CA ILE A 258 -5.69 -12.48 -9.64
C ILE A 258 -5.81 -12.86 -8.16
N PHE A 259 -4.72 -12.67 -7.40
CA PHE A 259 -4.70 -13.08 -6.00
C PHE A 259 -4.31 -11.96 -5.04
N LEU A 260 -5.30 -11.37 -4.38
CA LEU A 260 -5.06 -10.38 -3.30
C LEU A 260 -4.81 -11.06 -1.98
N LEU A 261 -3.64 -10.84 -1.37
CA LEU A 261 -3.36 -11.40 -0.01
C LEU A 261 -2.96 -10.36 1.04
N PHE A 262 -3.71 -10.35 2.15
CA PHE A 262 -3.43 -9.46 3.28
C PHE A 262 -3.19 -10.29 4.53
N ILE A 263 -2.02 -10.11 5.14
CA ILE A 263 -1.69 -10.74 6.43
C ILE A 263 -1.46 -9.60 7.40
N ASN A 264 -2.31 -9.52 8.42
CA ASN A 264 -2.26 -8.39 9.34
C ASN A 264 -2.30 -7.04 8.56
N HIS A 265 -3.26 -6.99 7.65
CA HIS A 265 -3.64 -5.74 7.00
C HIS A 265 -2.55 -5.14 6.03
N ARG A 266 -1.46 -5.87 5.80
CA ARG A 266 -0.49 -5.46 4.81
C ARG A 266 -0.65 -6.33 3.59
N LEU A 267 -0.56 -5.75 2.41
CA LEU A 267 -0.68 -6.54 1.17
C LEU A 267 0.63 -7.25 0.94
N VAL A 268 0.56 -8.56 0.66
CA VAL A 268 1.78 -9.39 0.50
C VAL A 268 1.71 -10.39 -0.69
N GLU A 269 2.86 -10.73 -1.26
CA GLU A 269 2.99 -11.78 -2.27
C GLU A 269 3.46 -13.09 -1.59
N SER A 270 2.98 -14.22 -2.09
CA SER A 270 3.32 -15.51 -1.48
C SER A 270 3.25 -16.67 -2.47
N THR A 271 4.41 -17.04 -3.02
CA THR A 271 4.50 -18.15 -3.99
C THR A 271 4.07 -19.49 -3.37
N SER A 272 4.23 -19.64 -2.07
CA SER A 272 3.88 -20.89 -1.39
C SER A 272 2.37 -21.12 -1.37
N LEU A 273 1.62 -20.12 -0.87
CA LEU A 273 0.17 -20.25 -0.68
C LEU A 273 -0.59 -20.17 -2.00
N ARG A 274 -0.16 -19.30 -2.91
CA ARG A 274 -0.74 -19.25 -4.29
C ARG A 274 -0.56 -20.58 -5.01
N LYS A 275 0.53 -21.30 -4.69
CA LYS A 275 0.75 -22.68 -5.22
C LYS A 275 -0.29 -23.66 -4.67
N ALA A 276 -0.43 -23.69 -3.34
CA ALA A 276 -1.43 -24.52 -2.69
C ALA A 276 -2.79 -24.35 -3.35
N ILE A 277 -3.27 -23.10 -3.38
CA ILE A 277 -4.61 -22.79 -3.86
C ILE A 277 -4.80 -23.12 -5.34
N GLU A 278 -3.78 -22.83 -6.14
CA GLU A 278 -3.77 -23.23 -7.56
C GLU A 278 -3.92 -24.76 -7.73
N THR A 279 -3.26 -25.54 -6.88
CA THR A 279 -3.38 -27.00 -6.97
C THR A 279 -4.83 -27.39 -6.71
N VAL A 280 -5.44 -26.77 -5.71
CA VAL A 280 -6.83 -27.05 -5.40
C VAL A 280 -7.71 -26.72 -6.60
N TYR A 281 -7.52 -25.52 -7.16
CA TYR A 281 -8.32 -25.04 -8.31
C TYR A 281 -8.05 -25.79 -9.63
N ALA A 282 -6.82 -26.25 -9.81
CA ALA A 282 -6.43 -27.05 -10.98
C ALA A 282 -7.40 -28.20 -11.26
N ALA A 283 -7.91 -28.81 -10.18
CA ALA A 283 -8.86 -29.91 -10.29
C ALA A 283 -10.26 -29.48 -10.80
N TYR A 284 -10.61 -28.20 -10.64
CA TYR A 284 -11.98 -27.72 -10.96
C TYR A 284 -12.04 -26.78 -12.15
N LEU A 285 -11.01 -25.94 -12.32
CA LEU A 285 -11.02 -24.92 -13.40
C LEU A 285 -10.35 -25.47 -14.70
N PRO A 286 -10.74 -24.93 -15.87
CA PRO A 286 -10.14 -25.33 -17.17
C PRO A 286 -8.61 -25.11 -17.31
N LYS A 287 -8.01 -25.76 -18.32
CA LYS A 287 -6.54 -25.92 -18.48
C LYS A 287 -5.70 -24.63 -18.37
N ASN A 288 -5.96 -23.66 -19.23
CA ASN A 288 -5.28 -22.35 -19.14
C ASN A 288 -5.71 -21.53 -17.90
N THR A 289 -6.99 -21.64 -17.53
CA THR A 289 -7.65 -20.62 -16.70
C THR A 289 -7.34 -20.67 -15.19
N HIS A 290 -7.64 -19.56 -14.51
CA HIS A 290 -7.27 -19.36 -13.12
C HIS A 290 -8.37 -18.63 -12.34
N PRO A 291 -8.26 -18.62 -10.99
CA PRO A 291 -9.28 -18.01 -10.15
C PRO A 291 -9.01 -16.54 -9.77
N PHE A 292 -10.03 -15.93 -9.17
CA PHE A 292 -9.88 -14.72 -8.40
C PHE A 292 -9.90 -15.08 -6.91
N LEU A 293 -8.93 -14.55 -6.16
CA LEU A 293 -8.80 -14.76 -4.69
C LEU A 293 -8.56 -13.48 -3.88
N TYR A 294 -9.41 -13.23 -2.89
CA TYR A 294 -9.14 -12.23 -1.83
C TYR A 294 -9.18 -12.90 -0.44
N LEU A 295 -8.03 -12.96 0.23
CA LEU A 295 -7.95 -13.55 1.57
C LEU A 295 -7.32 -12.58 2.56
N SER A 296 -7.90 -12.52 3.75
CA SER A 296 -7.34 -11.74 4.87
C SER A 296 -7.01 -12.69 6.01
N LEU A 297 -5.72 -12.83 6.31
CA LEU A 297 -5.28 -13.68 7.40
C LEU A 297 -4.87 -12.85 8.62
N GLU A 298 -5.41 -13.21 9.79
CA GLU A 298 -4.96 -12.62 11.07
C GLU A 298 -4.12 -13.66 11.79
N ILE A 299 -2.83 -13.36 11.95
CA ILE A 299 -1.86 -14.21 12.63
C ILE A 299 -1.14 -13.37 13.67
N SER A 300 -0.62 -14.03 14.72
CA SER A 300 0.29 -13.42 15.68
C SER A 300 1.64 -14.19 15.65
N PRO A 301 2.76 -13.49 15.95
CA PRO A 301 4.12 -13.98 15.67
C PRO A 301 4.21 -15.31 14.91
N GLU A 321 2.67 -23.44 9.03
CA GLU A 321 3.06 -24.70 8.38
C GLU A 321 1.83 -25.58 8.13
N SER A 322 1.41 -26.33 9.16
CA SER A 322 0.16 -27.09 9.11
C SER A 322 -1.08 -26.17 8.96
N ILE A 323 -0.92 -24.86 9.21
CA ILE A 323 -1.97 -23.89 8.99
C ILE A 323 -2.33 -23.72 7.50
N LEU A 324 -1.34 -23.89 6.60
CA LEU A 324 -1.58 -23.81 5.14
C LEU A 324 -2.37 -25.04 4.61
N GLU A 325 -2.43 -26.12 5.40
CA GLU A 325 -3.31 -27.25 5.10
C GLU A 325 -4.77 -26.86 5.32
N ARG A 326 -5.05 -26.19 6.45
CA ARG A 326 -6.43 -25.80 6.80
C ARG A 326 -7.04 -24.88 5.74
N VAL A 327 -6.23 -23.95 5.18
CA VAL A 327 -6.70 -23.06 4.09
C VAL A 327 -6.94 -23.85 2.80
N GLN A 328 -5.98 -24.68 2.40
CA GLN A 328 -6.17 -25.54 1.22
C GLN A 328 -7.41 -26.40 1.44
N GLN A 329 -7.55 -26.97 2.64
CA GLN A 329 -8.71 -27.79 2.99
C GLN A 329 -10.00 -26.95 2.91
N HIS A 330 -9.99 -25.81 3.58
CA HIS A 330 -11.17 -24.96 3.69
C HIS A 330 -11.69 -24.44 2.35
N ILE A 331 -10.78 -24.12 1.44
CA ILE A 331 -11.15 -23.68 0.10
C ILE A 331 -11.71 -24.82 -0.75
N GLU A 332 -11.05 -25.97 -0.74
CA GLU A 332 -11.56 -27.13 -1.46
C GLU A 332 -12.96 -27.45 -0.99
N SER A 333 -13.13 -27.49 0.34
CA SER A 333 -14.45 -27.66 0.95
C SER A 333 -15.46 -26.68 0.33
N LYS A 334 -15.09 -25.39 0.31
CA LYS A 334 -15.99 -24.35 -0.29
C LYS A 334 -16.23 -24.51 -1.81
N LEU A 335 -15.22 -24.98 -2.54
CA LEU A 335 -15.42 -25.26 -3.97
C LEU A 335 -16.34 -26.44 -4.21
N LEU A 336 -16.19 -27.49 -3.40
CA LEU A 336 -17.09 -28.68 -3.50
C LEU A 336 -18.53 -28.29 -3.16
N GLY A 337 -18.70 -27.50 -2.10
CA GLY A 337 -19.99 -26.87 -1.80
C GLY A 337 -20.27 -25.70 -2.76
#